data_6ER4
#
_entry.id   6ER4
#
_cell.length_a   48.740
_cell.length_b   72.200
_cell.length_c   51.410
_cell.angle_alpha   90.000
_cell.angle_beta   103.880
_cell.angle_gamma   90.000
#
_symmetry.space_group_name_H-M   'P 1 21 1'
#
loop_
_entity.id
_entity.type
_entity.pdbx_description
1 polymer 'BNR/Asp-box repeat protein'
2 branched 'N-acetyl-alpha-neuraminic acid-(2-6)-beta-D-galactopyranose-(1-4)-beta-D-glucopyranose'
3 non-polymer GLYCEROL
4 non-polymer 'PENTAETHYLENE GLYCOL'
5 water water
#
_entity_poly.entity_id   1
_entity_poly.type   'polypeptide(L)'
_entity_poly.pdbx_seq_one_letter_code
;MADIGSVLQKEGIEISEGTGYDLSKEPGAATVKALEQGTIVISYKTTSENAIQSLLSVGNGTKGNQDRHFHLYITNAGGV
GMELRNTDGEFKYTLDCPAAVRGSYKGERVSNTVALKADKENKQYKLFANGELIATLDQEAFKFISDITGVDNVMLGGTM
RQGTVAYPFGGSIERMQVYRDVLSDDELIAVTGK
;
_entity_poly.pdbx_strand_id   A,B
#
# COMPACT_ATOMS: atom_id res chain seq x y z
N MET A 1 8.33 -28.54 -8.76
CA MET A 1 6.90 -28.37 -9.21
C MET A 1 6.19 -29.65 -9.64
N ALA A 2 6.90 -30.77 -9.81
CA ALA A 2 6.29 -31.97 -10.38
C ALA A 2 5.01 -32.37 -9.69
N ASP A 3 4.97 -32.31 -8.36
CA ASP A 3 3.79 -32.76 -7.63
C ASP A 3 3.01 -31.63 -6.97
N ILE A 4 3.25 -30.40 -7.41
CA ILE A 4 2.44 -29.24 -6.96
C ILE A 4 1.19 -29.16 -7.82
N GLY A 5 0.06 -28.96 -7.17
CA GLY A 5 -1.19 -28.80 -7.90
C GLY A 5 -1.93 -27.56 -7.44
N SER A 6 -2.50 -26.85 -8.39
CA SER A 6 -3.39 -25.74 -8.09
C SER A 6 -4.64 -26.22 -7.38
N VAL A 7 -5.21 -25.33 -6.59
CA VAL A 7 -6.54 -25.57 -5.99
C VAL A 7 -7.65 -25.02 -6.87
N LEU A 8 -7.33 -24.09 -7.78
CA LEU A 8 -8.33 -23.56 -8.69
C LEU A 8 -7.58 -23.10 -9.93
N GLN A 9 -8.09 -23.44 -11.13
CA GLN A 9 -7.45 -23.07 -12.39
C GLN A 9 -8.51 -22.85 -13.47
N LYS A 10 -8.27 -21.85 -14.28
N LYS A 10 -8.28 -21.85 -14.30
CA LYS A 10 -9.10 -21.55 -15.47
CA LYS A 10 -9.17 -21.55 -15.42
C LYS A 10 -8.23 -21.08 -16.58
C LYS A 10 -8.27 -21.05 -16.57
N GLU A 11 -8.66 -21.34 -17.80
CA GLU A 11 -7.88 -20.97 -18.99
C GLU A 11 -8.82 -20.49 -20.07
N GLY A 12 -8.34 -19.53 -20.87
CA GLY A 12 -9.05 -19.10 -22.10
C GLY A 12 -10.41 -18.48 -21.88
N ILE A 13 -10.45 -17.52 -20.97
CA ILE A 13 -11.70 -16.85 -20.56
C ILE A 13 -11.74 -15.41 -21.05
N GLU A 14 -12.63 -15.14 -22.02
CA GLU A 14 -12.87 -13.74 -22.41
C GLU A 14 -13.86 -13.12 -21.45
N ILE A 15 -13.65 -11.84 -21.18
CA ILE A 15 -14.46 -11.04 -20.28
C ILE A 15 -14.60 -9.65 -20.86
N SER A 16 -15.84 -9.21 -21.10
CA SER A 16 -16.03 -7.82 -21.46
C SER A 16 -16.14 -6.95 -20.22
N GLU A 17 -15.77 -5.67 -20.38
CA GLU A 17 -15.78 -4.71 -19.25
C GLU A 17 -17.09 -4.72 -18.51
N GLY A 18 -17.04 -4.94 -17.21
CA GLY A 18 -18.19 -4.88 -16.37
C GLY A 18 -18.90 -6.19 -16.20
N THR A 19 -18.54 -7.20 -17.00
CA THR A 19 -19.24 -8.48 -16.88
C THR A 19 -18.66 -9.33 -15.75
N GLY A 20 -17.34 -9.37 -15.65
CA GLY A 20 -16.66 -10.31 -14.76
C GLY A 20 -16.91 -11.75 -15.20
N TYR A 21 -16.35 -12.68 -14.43
CA TYR A 21 -16.57 -14.12 -14.66
C TYR A 21 -16.58 -14.79 -13.31
N ASP A 22 -17.72 -15.32 -12.90
CA ASP A 22 -17.89 -15.88 -11.55
C ASP A 22 -17.18 -17.21 -11.43
N LEU A 23 -16.37 -17.37 -10.39
CA LEU A 23 -15.75 -18.64 -10.05
C LEU A 23 -16.30 -19.21 -8.75
N SER A 24 -17.33 -18.60 -8.16
CA SER A 24 -17.77 -18.95 -6.82
C SER A 24 -18.27 -20.35 -6.68
N LYS A 25 -18.74 -20.95 -7.78
CA LYS A 25 -19.31 -22.30 -7.76
C LYS A 25 -18.32 -23.35 -8.22
N GLU A 26 -17.11 -22.95 -8.58
CA GLU A 26 -16.13 -23.88 -9.09
C GLU A 26 -15.65 -24.79 -7.95
N PRO A 27 -15.36 -26.06 -8.26
CA PRO A 27 -14.58 -26.88 -7.33
C PRO A 27 -13.28 -26.15 -7.00
N GLY A 28 -12.98 -26.08 -5.73
CA GLY A 28 -11.81 -25.36 -5.24
C GLY A 28 -12.09 -23.97 -4.74
N ALA A 29 -13.21 -23.39 -5.11
CA ALA A 29 -13.54 -22.03 -4.62
C ALA A 29 -13.56 -21.95 -3.10
N ALA A 30 -14.06 -22.98 -2.41
CA ALA A 30 -14.10 -22.93 -0.92
C ALA A 30 -12.71 -22.78 -0.35
N THR A 31 -11.77 -23.51 -0.96
CA THR A 31 -10.41 -23.45 -0.50
C THR A 31 -9.83 -22.07 -0.70
N VAL A 32 -10.06 -21.50 -1.87
CA VAL A 32 -9.58 -20.14 -2.18
C VAL A 32 -10.15 -19.12 -1.20
N LYS A 33 -11.42 -19.27 -0.84
CA LYS A 33 -12.11 -18.35 0.10
C LYS A 33 -11.58 -18.47 1.53
N ALA A 34 -10.76 -19.47 1.80
CA ALA A 34 -10.17 -19.70 3.13
C ALA A 34 -8.67 -19.64 3.18
N LEU A 35 -8.02 -19.16 2.14
CA LEU A 35 -6.57 -19.21 2.14
C LEU A 35 -5.93 -18.41 3.27
N GLU A 36 -5.01 -19.08 3.98
CA GLU A 36 -4.20 -18.44 4.99
C GLU A 36 -2.85 -17.93 4.42
N GLN A 37 -2.51 -18.43 3.25
CA GLN A 37 -1.29 -18.09 2.51
C GLN A 37 -1.49 -18.73 1.13
N GLY A 38 -0.59 -18.46 0.18
CA GLY A 38 -0.64 -19.13 -1.08
C GLY A 38 -0.13 -18.26 -2.21
N THR A 39 -0.41 -18.72 -3.44
CA THR A 39 0.19 -18.12 -4.64
C THR A 39 -0.87 -17.99 -5.72
N ILE A 40 -0.88 -16.87 -6.43
CA ILE A 40 -1.76 -16.63 -7.56
C ILE A 40 -0.91 -16.28 -8.77
N VAL A 41 -1.15 -16.94 -9.89
CA VAL A 41 -0.39 -16.69 -11.13
C VAL A 41 -1.40 -16.45 -12.25
N ILE A 42 -1.30 -15.33 -12.95
CA ILE A 42 -2.29 -15.00 -13.99
C ILE A 42 -1.62 -14.44 -15.23
N SER A 43 -1.91 -15.07 -16.37
N SER A 43 -1.87 -15.09 -16.38
CA SER A 43 -1.52 -14.54 -17.68
CA SER A 43 -1.53 -14.51 -17.69
C SER A 43 -2.79 -13.95 -18.33
C SER A 43 -2.79 -13.95 -18.32
N TYR A 44 -2.67 -12.76 -18.88
CA TYR A 44 -3.82 -12.04 -19.44
C TYR A 44 -3.41 -11.15 -20.61
N LYS A 45 -4.44 -10.74 -21.36
CA LYS A 45 -4.34 -9.62 -22.28
C LYS A 45 -5.47 -8.67 -21.98
N THR A 46 -5.17 -7.40 -21.74
CA THR A 46 -6.22 -6.41 -21.50
C THR A 46 -6.51 -5.63 -22.76
N THR A 47 -7.82 -5.43 -23.01
CA THR A 47 -8.27 -4.56 -24.08
C THR A 47 -8.81 -3.24 -23.57
N SER A 48 -8.81 -3.05 -22.24
CA SER A 48 -9.52 -1.99 -21.59
C SER A 48 -8.59 -0.84 -21.15
N GLU A 49 -9.10 0.39 -21.27
CA GLU A 49 -8.46 1.57 -20.67
C GLU A 49 -9.02 1.90 -19.31
N ASN A 50 -9.80 1.00 -18.70
CA ASN A 50 -10.23 1.24 -17.32
C ASN A 50 -9.00 1.38 -16.40
N ALA A 51 -9.09 2.31 -15.46
CA ALA A 51 -7.94 2.65 -14.63
C ALA A 51 -7.49 1.50 -13.73
N ILE A 52 -8.43 0.75 -13.15
CA ILE A 52 -8.18 -0.33 -12.19
C ILE A 52 -8.97 -1.55 -12.66
N GLN A 53 -8.25 -2.62 -13.00
CA GLN A 53 -8.84 -3.83 -13.56
C GLN A 53 -8.45 -5.02 -12.71
N SER A 54 -9.39 -5.51 -11.91
CA SER A 54 -9.11 -6.70 -11.13
C SER A 54 -8.98 -7.90 -12.07
N LEU A 55 -7.90 -8.65 -11.90
CA LEU A 55 -7.76 -9.94 -12.61
C LEU A 55 -8.49 -11.05 -11.85
N LEU A 56 -8.23 -11.15 -10.53
CA LEU A 56 -8.91 -12.09 -9.66
C LEU A 56 -9.24 -11.34 -8.38
N SER A 57 -10.43 -11.63 -7.85
CA SER A 57 -10.82 -11.15 -6.53
C SER A 57 -11.50 -12.24 -5.74
N VAL A 58 -11.50 -12.03 -4.43
CA VAL A 58 -12.15 -12.91 -3.47
C VAL A 58 -12.68 -12.00 -2.38
N GLY A 59 -13.97 -12.03 -2.06
CA GLY A 59 -14.44 -11.09 -1.04
C GLY A 59 -15.87 -11.28 -0.65
N ASN A 60 -16.37 -10.27 0.05
CA ASN A 60 -17.74 -10.20 0.54
C ASN A 60 -18.50 -9.24 -0.38
N GLY A 61 -19.42 -9.75 -1.18
CA GLY A 61 -20.13 -8.92 -2.11
C GLY A 61 -21.42 -8.29 -1.61
N THR A 62 -21.73 -8.45 -0.32
CA THR A 62 -23.03 -8.00 0.19
C THR A 62 -23.05 -6.50 0.49
N LYS A 63 -24.28 -5.98 0.62
CA LYS A 63 -24.48 -4.61 0.98
C LYS A 63 -23.80 -4.27 2.30
N GLY A 64 -23.14 -3.13 2.29
CA GLY A 64 -22.40 -2.60 3.44
C GLY A 64 -21.06 -3.21 3.71
N ASN A 65 -20.62 -4.15 2.85
CA ASN A 65 -19.36 -4.87 3.04
C ASN A 65 -18.39 -4.68 1.88
N GLN A 66 -18.53 -3.53 1.23
CA GLN A 66 -17.77 -3.19 0.03
C GLN A 66 -16.27 -3.00 0.25
N ASP A 67 -15.82 -2.86 1.50
CA ASP A 67 -14.39 -2.76 1.81
C ASP A 67 -13.82 -4.04 2.35
N ARG A 68 -14.50 -5.18 2.08
CA ARG A 68 -14.06 -6.47 2.57
C ARG A 68 -13.79 -7.39 1.37
N HIS A 69 -12.53 -7.38 0.90
CA HIS A 69 -12.15 -8.12 -0.29
C HIS A 69 -10.65 -8.12 -0.45
N PHE A 70 -10.19 -9.04 -1.31
CA PHE A 70 -8.83 -9.10 -1.84
C PHE A 70 -8.93 -9.03 -3.35
N HIS A 71 -8.06 -8.28 -3.99
CA HIS A 71 -7.89 -8.43 -5.44
C HIS A 71 -6.48 -8.15 -5.90
N LEU A 72 -6.14 -8.79 -7.02
CA LEU A 72 -4.90 -8.62 -7.75
C LEU A 72 -5.29 -7.92 -9.05
N TYR A 73 -4.72 -6.75 -9.31
CA TYR A 73 -5.21 -5.86 -10.37
C TYR A 73 -4.07 -5.31 -11.22
N ILE A 74 -4.43 -4.83 -12.41
CA ILE A 74 -3.56 -4.08 -13.27
C ILE A 74 -4.20 -2.74 -13.59
N THR A 75 -3.39 -1.81 -14.09
CA THR A 75 -3.91 -0.49 -14.41
C THR A 75 -3.66 -0.13 -15.86
N ASN A 76 -4.38 0.92 -16.29
CA ASN A 76 -4.19 1.48 -17.62
C ASN A 76 -2.89 2.24 -17.83
N ALA A 77 -2.12 2.44 -16.78
CA ALA A 77 -0.82 3.09 -16.87
C ALA A 77 0.31 2.05 -16.81
N GLY A 78 -0.02 0.76 -16.93
CA GLY A 78 0.99 -0.29 -16.87
C GLY A 78 1.38 -0.72 -15.46
N GLY A 79 0.56 -0.40 -14.48
CA GLY A 79 0.82 -0.76 -13.11
C GLY A 79 0.23 -2.13 -12.78
N VAL A 80 0.79 -2.71 -11.73
CA VAL A 80 0.28 -3.96 -11.12
C VAL A 80 0.16 -3.68 -9.63
N GLY A 81 -0.93 -4.17 -9.04
CA GLY A 81 -1.09 -4.04 -7.61
C GLY A 81 -1.96 -5.09 -6.98
N MET A 82 -2.11 -4.98 -5.65
CA MET A 82 -3.08 -5.77 -4.91
C MET A 82 -3.63 -4.96 -3.79
N GLU A 83 -4.84 -5.29 -3.38
CA GLU A 83 -5.36 -4.77 -2.11
C GLU A 83 -5.94 -5.94 -1.33
N LEU A 84 -5.70 -5.90 -0.02
CA LEU A 84 -6.18 -6.90 0.92
C LEU A 84 -6.85 -6.12 2.04
N ARG A 85 -8.20 -6.27 2.13
CA ARG A 85 -9.02 -5.33 2.91
C ARG A 85 -10.08 -6.01 3.74
N ASN A 86 -10.29 -5.49 4.97
CA ASN A 86 -11.44 -5.94 5.76
C ASN A 86 -12.06 -4.78 6.49
N THR A 87 -12.27 -3.69 5.75
CA THR A 87 -12.53 -2.33 6.27
C THR A 87 -11.24 -1.75 6.83
N ASP A 88 -11.08 -0.43 6.71
CA ASP A 88 -9.80 0.21 7.05
C ASP A 88 -9.49 0.15 8.55
N GLY A 89 -10.53 0.07 9.36
CA GLY A 89 -10.35 -0.09 10.81
C GLY A 89 -9.74 -1.42 11.21
N GLU A 90 -9.85 -2.43 10.34
CA GLU A 90 -9.24 -3.73 10.55
C GLU A 90 -7.91 -3.89 9.81
N PHE A 91 -7.90 -3.76 8.49
CA PHE A 91 -6.66 -3.77 7.73
C PHE A 91 -6.91 -3.31 6.32
N LYS A 92 -5.90 -2.61 5.79
CA LYS A 92 -5.83 -2.26 4.36
C LYS A 92 -4.39 -2.37 3.92
N TYR A 93 -4.03 -3.52 3.36
CA TYR A 93 -2.66 -3.81 2.91
C TYR A 93 -2.62 -3.80 1.41
N THR A 94 -1.76 -2.97 0.85
CA THR A 94 -1.75 -2.74 -0.59
C THR A 94 -0.36 -2.69 -1.16
N LEU A 95 -0.30 -3.01 -2.43
CA LEU A 95 0.88 -2.78 -3.27
C LEU A 95 0.42 -2.12 -4.57
N ASP A 96 1.28 -1.28 -5.13
N ASP A 96 1.27 -1.28 -5.14
CA ASP A 96 1.04 -0.65 -6.42
CA ASP A 96 1.03 -0.63 -6.43
C ASP A 96 2.40 -0.35 -7.02
C ASP A 96 2.39 -0.34 -7.03
N CYS A 97 2.68 -0.97 -8.17
CA CYS A 97 4.01 -0.93 -8.80
C CYS A 97 3.87 -0.35 -10.17
N PRO A 98 4.63 0.70 -10.49
CA PRO A 98 4.49 1.33 -11.81
C PRO A 98 5.29 0.63 -12.88
N ALA A 99 4.82 0.82 -14.12
CA ALA A 99 5.62 0.45 -15.29
C ALA A 99 6.09 -1.00 -15.29
N ALA A 100 5.19 -1.89 -14.88
CA ALA A 100 5.49 -3.28 -14.72
C ALA A 100 4.88 -4.20 -15.79
N VAL A 101 3.81 -3.74 -16.44
CA VAL A 101 3.09 -4.48 -17.49
C VAL A 101 2.80 -3.49 -18.62
N ARG A 102 2.40 -4.06 -19.76
N ARG A 102 2.44 -4.03 -19.78
CA ARG A 102 2.11 -3.33 -20.99
CA ARG A 102 2.16 -3.19 -20.97
C ARG A 102 0.76 -3.69 -21.53
C ARG A 102 0.84 -3.65 -21.57
N GLY A 103 0.01 -2.71 -22.00
CA GLY A 103 -1.24 -3.05 -22.71
C GLY A 103 -1.04 -3.58 -24.12
N SER A 104 -0.12 -2.94 -24.83
CA SER A 104 0.14 -3.24 -26.22
C SER A 104 1.59 -3.27 -26.60
N TYR A 105 1.85 -3.97 -27.72
CA TYR A 105 3.18 -4.11 -28.33
C TYR A 105 2.88 -4.31 -29.83
N LYS A 106 3.43 -3.41 -30.63
CA LYS A 106 3.32 -3.45 -32.10
C LYS A 106 1.88 -3.56 -32.60
N GLY A 107 1.06 -2.65 -32.07
CA GLY A 107 -0.37 -2.55 -32.34
C GLY A 107 -1.22 -3.72 -31.91
N GLU A 108 -0.66 -4.62 -31.10
CA GLU A 108 -1.36 -5.83 -30.69
C GLU A 108 -1.46 -5.80 -29.17
N ARG A 109 -2.54 -6.32 -28.64
CA ARG A 109 -2.70 -6.48 -27.20
C ARG A 109 -1.75 -7.61 -26.77
N VAL A 110 -0.86 -7.30 -25.84
CA VAL A 110 0.23 -8.22 -25.50
C VAL A 110 -0.07 -8.98 -24.24
N SER A 111 0.33 -10.23 -24.20
CA SER A 111 0.18 -11.05 -23.02
C SER A 111 1.18 -10.59 -21.95
N ASN A 112 0.69 -10.54 -20.72
CA ASN A 112 1.52 -10.32 -19.55
C ASN A 112 1.23 -11.41 -18.54
N THR A 113 2.19 -11.69 -17.67
CA THR A 113 1.96 -12.65 -16.58
C THR A 113 2.38 -11.99 -15.29
N VAL A 114 1.48 -12.04 -14.32
CA VAL A 114 1.73 -11.49 -12.98
C VAL A 114 1.53 -12.58 -11.93
N ALA A 115 2.07 -12.34 -10.73
CA ALA A 115 1.85 -13.28 -9.63
C ALA A 115 1.93 -12.56 -8.33
N LEU A 116 1.18 -13.08 -7.36
N LEU A 116 1.18 -13.08 -7.36
CA LEU A 116 1.27 -12.63 -5.95
CA LEU A 116 1.26 -12.63 -5.97
C LEU A 116 1.40 -13.87 -5.08
C LEU A 116 1.39 -13.85 -5.08
N LYS A 117 2.32 -13.80 -4.13
CA LYS A 117 2.33 -14.80 -3.08
C LYS A 117 2.24 -14.12 -1.73
N ALA A 118 1.64 -14.86 -0.81
CA ALA A 118 1.49 -14.46 0.59
C ALA A 118 2.01 -15.63 1.40
N ASP A 119 2.98 -15.34 2.27
CA ASP A 119 3.68 -16.35 3.07
C ASP A 119 3.49 -16.06 4.56
N LYS A 120 2.73 -16.91 5.23
N LYS A 120 2.69 -16.89 5.24
CA LYS A 120 2.45 -16.70 6.63
CA LYS A 120 2.33 -16.63 6.65
C LYS A 120 3.71 -16.84 7.50
C LYS A 120 3.50 -16.84 7.61
N GLU A 121 4.60 -17.75 7.14
N GLU A 121 4.45 -17.70 7.23
CA GLU A 121 5.75 -18.06 8.00
CA GLU A 121 5.59 -17.97 8.11
C GLU A 121 6.59 -16.82 8.22
C GLU A 121 6.69 -16.88 8.18
N ASN A 122 6.79 -16.01 7.17
CA ASN A 122 7.60 -14.77 7.34
C ASN A 122 6.81 -13.50 7.11
N LYS A 123 5.49 -13.62 7.16
CA LYS A 123 4.57 -12.47 7.21
C LYS A 123 4.80 -11.55 6.03
N GLN A 124 4.89 -12.13 4.84
CA GLN A 124 5.43 -11.42 3.67
C GLN A 124 4.57 -11.66 2.44
N TYR A 125 4.37 -10.59 1.68
CA TYR A 125 3.71 -10.62 0.38
C TYR A 125 4.73 -10.24 -0.69
N LYS A 126 4.70 -10.92 -1.85
CA LYS A 126 5.58 -10.58 -2.97
C LYS A 126 4.79 -10.55 -4.25
N LEU A 127 5.08 -9.52 -5.04
CA LEU A 127 4.43 -9.29 -6.31
C LEU A 127 5.45 -9.43 -7.44
N PHE A 128 5.07 -10.11 -8.51
CA PHE A 128 5.92 -10.36 -9.69
C PHE A 128 5.20 -9.95 -10.94
N ALA A 129 5.95 -9.53 -11.94
CA ALA A 129 5.36 -9.29 -13.25
C ALA A 129 6.42 -9.56 -14.30
N ASN A 130 6.08 -10.36 -15.32
CA ASN A 130 6.92 -10.47 -16.51
C ASN A 130 8.37 -10.80 -16.21
N GLY A 131 8.57 -11.73 -15.30
CA GLY A 131 9.91 -12.19 -14.98
C GLY A 131 10.68 -11.46 -13.92
N GLU A 132 10.03 -10.55 -13.21
CA GLU A 132 10.69 -9.69 -12.22
C GLU A 132 9.91 -9.71 -10.92
N LEU A 133 10.64 -9.79 -9.81
CA LEU A 133 10.10 -9.42 -8.47
C LEU A 133 10.02 -7.92 -8.40
N ILE A 134 8.81 -7.37 -8.23
CA ILE A 134 8.62 -5.95 -8.31
C ILE A 134 8.34 -5.27 -6.98
N ALA A 135 7.87 -6.02 -5.97
CA ALA A 135 7.66 -5.46 -4.63
C ALA A 135 7.55 -6.54 -3.62
N THR A 136 7.94 -6.20 -2.38
CA THR A 136 7.85 -7.05 -1.24
C THR A 136 7.26 -6.25 -0.09
N LEU A 137 6.32 -6.83 0.64
CA LEU A 137 5.69 -6.17 1.80
C LEU A 137 5.70 -7.12 2.98
N ASP A 138 6.21 -6.65 4.12
CA ASP A 138 6.17 -7.41 5.36
C ASP A 138 5.24 -6.66 6.33
N GLN A 139 4.32 -7.36 7.01
CA GLN A 139 3.43 -6.73 7.97
C GLN A 139 3.50 -7.47 9.26
N GLU A 140 3.66 -6.74 10.37
CA GLU A 140 3.67 -7.40 11.67
C GLU A 140 2.37 -8.14 11.97
N ALA A 141 1.25 -7.54 11.59
CA ALA A 141 -0.05 -8.13 11.75
C ALA A 141 -0.42 -8.80 10.42
N PHE A 142 0.11 -9.98 10.17
CA PHE A 142 -0.07 -10.62 8.84
C PHE A 142 -1.53 -11.03 8.68
N LYS A 143 -2.04 -10.82 7.49
CA LYS A 143 -3.43 -11.19 7.16
C LYS A 143 -3.48 -11.86 5.79
N PHE A 144 -4.51 -12.67 5.57
CA PHE A 144 -4.80 -13.11 4.21
C PHE A 144 -6.29 -13.34 4.07
N ILE A 145 -6.70 -14.13 3.09
N ILE A 145 -6.70 -14.13 3.09
CA ILE A 145 -8.10 -14.20 2.71
CA ILE A 145 -8.09 -14.21 2.70
C ILE A 145 -8.99 -14.71 3.85
C ILE A 145 -8.98 -14.71 3.86
N SER A 146 -8.48 -15.66 4.63
CA SER A 146 -9.25 -16.20 5.75
C SER A 146 -9.52 -15.16 6.83
N ASP A 147 -8.88 -13.98 6.79
CA ASP A 147 -9.16 -12.92 7.75
C ASP A 147 -10.23 -11.93 7.29
N ILE A 148 -10.65 -12.02 6.03
CA ILE A 148 -11.72 -11.17 5.54
C ILE A 148 -13.04 -11.70 6.06
N THR A 149 -13.91 -10.81 6.49
CA THR A 149 -15.18 -11.23 7.09
C THR A 149 -16.29 -11.42 6.05
N GLY A 150 -16.92 -12.58 6.07
CA GLY A 150 -18.08 -12.87 5.24
C GLY A 150 -17.78 -13.05 3.75
N VAL A 151 -16.68 -13.71 3.43
CA VAL A 151 -16.39 -13.98 2.02
C VAL A 151 -17.48 -14.86 1.41
N ASP A 152 -17.96 -14.43 0.25
CA ASP A 152 -19.03 -15.17 -0.44
C ASP A 152 -18.86 -15.28 -1.93
N ASN A 153 -17.73 -14.85 -2.46
CA ASN A 153 -17.54 -14.98 -3.92
C ASN A 153 -16.07 -14.96 -4.27
N VAL A 154 -15.81 -15.57 -5.42
CA VAL A 154 -14.50 -15.56 -6.10
C VAL A 154 -14.83 -15.23 -7.55
N MET A 155 -14.07 -14.32 -8.15
CA MET A 155 -14.34 -13.97 -9.54
C MET A 155 -13.13 -13.47 -10.29
N LEU A 156 -13.19 -13.65 -11.59
CA LEU A 156 -12.26 -13.01 -12.48
C LEU A 156 -12.77 -11.70 -13.01
N GLY A 157 -11.86 -10.76 -13.26
CA GLY A 157 -12.21 -9.58 -14.07
C GLY A 157 -12.99 -8.48 -13.38
N GLY A 158 -13.03 -8.51 -12.04
CA GLY A 158 -13.68 -7.44 -11.27
C GLY A 158 -13.69 -7.86 -9.83
N THR A 159 -14.28 -7.02 -8.99
CA THR A 159 -14.43 -7.23 -7.57
C THR A 159 -15.87 -6.92 -7.21
N MET A 160 -16.59 -7.86 -6.56
N MET A 160 -16.57 -7.85 -6.57
CA MET A 160 -17.99 -7.60 -6.20
CA MET A 160 -17.98 -7.62 -6.22
C MET A 160 -18.07 -6.69 -4.99
C MET A 160 -18.09 -6.70 -5.00
N ARG A 161 -18.80 -5.59 -5.18
CA ARG A 161 -18.97 -4.57 -4.14
C ARG A 161 -20.45 -4.23 -4.11
N GLN A 162 -21.14 -4.66 -3.06
CA GLN A 162 -22.58 -4.47 -2.93
C GLN A 162 -23.36 -4.92 -4.15
N GLY A 163 -22.97 -6.07 -4.72
CA GLY A 163 -23.66 -6.62 -5.88
C GLY A 163 -23.29 -6.02 -7.24
N THR A 164 -22.35 -5.09 -7.27
N THR A 164 -22.34 -5.09 -7.27
CA THR A 164 -21.87 -4.44 -8.50
CA THR A 164 -21.86 -4.48 -8.50
C THR A 164 -20.45 -4.94 -8.81
C THR A 164 -20.44 -4.94 -8.80
N VAL A 165 -20.15 -5.09 -10.09
CA VAL A 165 -18.80 -5.45 -10.55
C VAL A 165 -17.94 -4.20 -10.59
N ALA A 166 -17.09 -4.05 -9.59
CA ALA A 166 -16.15 -2.96 -9.51
C ALA A 166 -14.83 -3.32 -10.16
N TYR A 167 -14.02 -2.30 -10.44
CA TYR A 167 -12.65 -2.49 -10.96
C TYR A 167 -12.65 -3.39 -12.22
N PRO A 168 -13.41 -2.99 -13.24
CA PRO A 168 -13.72 -3.96 -14.27
C PRO A 168 -12.63 -4.12 -15.33
N PHE A 169 -12.24 -5.37 -15.56
CA PHE A 169 -11.34 -5.79 -16.61
C PHE A 169 -12.09 -6.05 -17.92
N GLY A 170 -11.43 -5.80 -19.03
CA GLY A 170 -11.83 -6.31 -20.34
C GLY A 170 -10.66 -6.95 -21.04
N GLY A 171 -10.92 -8.03 -21.74
CA GLY A 171 -9.91 -8.74 -22.51
C GLY A 171 -10.01 -10.22 -22.27
N SER A 172 -8.86 -10.88 -22.07
CA SER A 172 -8.80 -12.34 -21.92
C SER A 172 -7.96 -12.69 -20.71
N ILE A 173 -8.51 -13.54 -19.85
CA ILE A 173 -7.71 -14.25 -18.83
C ILE A 173 -7.24 -15.53 -19.51
N GLU A 174 -5.97 -15.55 -19.90
CA GLU A 174 -5.40 -16.66 -20.64
C GLU A 174 -5.20 -17.88 -19.75
N ARG A 175 -4.64 -17.65 -18.56
CA ARG A 175 -4.43 -18.74 -17.60
C ARG A 175 -4.44 -18.14 -16.23
N MET A 176 -5.17 -18.76 -15.33
CA MET A 176 -5.23 -18.32 -13.94
C MET A 176 -5.10 -19.56 -13.08
N GLN A 177 -4.17 -19.50 -12.11
CA GLN A 177 -3.94 -20.61 -11.15
C GLN A 177 -3.83 -20.04 -9.76
N VAL A 178 -4.48 -20.69 -8.82
CA VAL A 178 -4.36 -20.37 -7.39
C VAL A 178 -3.86 -21.62 -6.70
N TYR A 179 -2.84 -21.44 -5.87
CA TYR A 179 -2.22 -22.50 -5.08
C TYR A 179 -2.33 -22.18 -3.58
N ARG A 180 -2.50 -23.22 -2.77
N ARG A 180 -2.49 -23.22 -2.77
CA ARG A 180 -2.32 -23.07 -1.32
CA ARG A 180 -2.28 -23.10 -1.32
C ARG A 180 -0.82 -23.07 -0.98
C ARG A 180 -0.80 -23.04 -1.00
N ASP A 181 0.01 -23.63 -1.85
CA ASP A 181 1.45 -23.64 -1.67
C ASP A 181 2.02 -22.27 -1.92
N VAL A 182 3.12 -21.96 -1.25
CA VAL A 182 3.89 -20.75 -1.46
C VAL A 182 5.01 -21.10 -2.42
N LEU A 183 4.89 -20.65 -3.68
CA LEU A 183 5.89 -21.00 -4.69
C LEU A 183 7.15 -20.15 -4.48
N SER A 184 8.28 -20.71 -4.87
CA SER A 184 9.54 -19.99 -4.72
C SER A 184 9.64 -18.79 -5.63
N ASP A 185 10.47 -17.83 -5.27
CA ASP A 185 10.74 -16.72 -6.18
C ASP A 185 11.29 -17.21 -7.51
N ASP A 186 12.19 -18.21 -7.50
CA ASP A 186 12.74 -18.70 -8.76
C ASP A 186 11.63 -19.26 -9.64
N GLU A 187 10.71 -20.00 -9.07
CA GLU A 187 9.59 -20.53 -9.85
C GLU A 187 8.76 -19.41 -10.42
N LEU A 188 8.48 -18.40 -9.61
CA LEU A 188 7.63 -17.28 -10.08
C LEU A 188 8.32 -16.38 -11.11
N ILE A 189 9.63 -16.18 -10.98
N ILE A 189 9.63 -16.20 -10.99
CA ILE A 189 10.39 -15.49 -12.01
CA ILE A 189 10.38 -15.49 -12.02
C ILE A 189 10.28 -16.27 -13.34
C ILE A 189 10.30 -16.26 -13.34
N ALA A 190 10.44 -17.59 -13.28
CA ALA A 190 10.39 -18.42 -14.49
C ALA A 190 9.00 -18.39 -15.13
N VAL A 191 7.97 -18.61 -14.33
CA VAL A 191 6.65 -18.73 -14.91
C VAL A 191 6.15 -17.37 -15.40
N THR A 192 6.43 -16.28 -14.68
CA THR A 192 5.95 -15.01 -15.11
C THR A 192 6.75 -14.45 -16.28
N GLY A 193 7.98 -14.93 -16.48
CA GLY A 193 8.83 -14.42 -17.55
C GLY A 193 8.72 -15.13 -18.87
N LYS A 194 7.91 -16.16 -18.93
CA LYS A 194 7.87 -17.05 -20.07
C LYS A 194 7.10 -16.36 -21.19
N GLY B 5 23.57 13.95 12.93
CA GLY B 5 22.74 15.18 13.13
C GLY B 5 21.50 15.28 12.24
N SER B 6 20.40 15.75 12.82
CA SER B 6 19.23 16.01 12.05
C SER B 6 19.45 17.17 11.09
N VAL B 7 18.73 17.15 9.99
CA VAL B 7 18.63 18.31 9.09
C VAL B 7 17.51 19.28 9.45
N LEU B 8 16.52 18.81 10.17
CA LEU B 8 15.41 19.66 10.58
C LEU B 8 14.88 19.05 11.88
N GLN B 9 14.63 19.90 12.88
CA GLN B 9 14.09 19.44 14.15
C GLN B 9 13.18 20.52 14.74
N LYS B 10 12.11 20.09 15.39
CA LYS B 10 11.19 21.00 16.10
C LYS B 10 10.71 20.29 17.33
N GLU B 11 10.32 21.07 18.34
N GLU B 11 10.42 21.04 18.40
CA GLU B 11 9.82 20.52 19.58
CA GLU B 11 9.80 20.46 19.60
C GLU B 11 8.65 21.35 20.10
C GLU B 11 8.66 21.33 20.11
N GLY B 12 7.68 20.67 20.70
CA GLY B 12 6.60 21.36 21.43
C GLY B 12 5.68 22.20 20.59
N ILE B 13 5.33 21.72 19.40
CA ILE B 13 4.50 22.45 18.46
C ILE B 13 3.06 22.01 18.57
N GLU B 14 2.23 22.91 19.09
CA GLU B 14 0.83 22.61 19.31
C GLU B 14 0.01 23.19 18.15
N ILE B 15 -0.87 22.35 17.62
CA ILE B 15 -1.56 22.61 16.37
C ILE B 15 -3.05 22.47 16.58
N SER B 16 -3.81 23.53 16.22
CA SER B 16 -5.25 23.51 16.25
C SER B 16 -5.70 22.75 15.03
N GLU B 17 -6.63 21.82 15.26
CA GLU B 17 -7.12 20.93 14.24
C GLU B 17 -7.50 21.78 13.00
N GLY B 18 -6.93 21.44 11.85
CA GLY B 18 -7.22 22.11 10.64
C GLY B 18 -6.21 23.15 10.20
N THR B 19 -5.41 23.71 11.11
CA THR B 19 -4.50 24.81 10.74
C THR B 19 -3.16 24.34 10.15
N GLY B 20 -2.66 23.23 10.64
CA GLY B 20 -1.29 22.83 10.34
C GLY B 20 -0.25 23.79 10.92
N TYR B 21 1.01 23.52 10.63
CA TYR B 21 2.11 24.39 11.07
C TYR B 21 3.14 24.34 9.98
N ASP B 22 3.34 25.46 9.32
CA ASP B 22 4.23 25.51 8.16
C ASP B 22 5.68 25.46 8.60
N LEU B 23 6.46 24.62 7.95
CA LEU B 23 7.88 24.54 8.15
C LEU B 23 8.64 24.98 6.93
N SER B 24 7.90 25.44 5.89
CA SER B 24 8.50 25.65 4.57
C SER B 24 9.60 26.68 4.57
N LYS B 25 9.58 27.58 5.52
CA LYS B 25 10.59 28.65 5.62
C LYS B 25 11.70 28.35 6.61
N GLU B 26 11.67 27.19 7.27
CA GLU B 26 12.66 26.88 8.31
C GLU B 26 13.99 26.61 7.63
N PRO B 27 15.11 26.98 8.30
CA PRO B 27 16.39 26.40 7.89
C PRO B 27 16.34 24.87 7.87
N GLY B 28 16.83 24.28 6.81
CA GLY B 28 16.79 22.82 6.61
C GLY B 28 15.63 22.38 5.74
N ALA B 29 14.63 23.22 5.56
CA ALA B 29 13.47 22.83 4.75
C ALA B 29 13.87 22.47 3.34
N ALA B 30 14.79 23.21 2.73
CA ALA B 30 15.23 22.89 1.36
C ALA B 30 15.78 21.49 1.25
N THR B 31 16.58 21.12 2.24
CA THR B 31 17.16 19.79 2.26
C THR B 31 16.04 18.73 2.36
N VAL B 32 15.07 18.97 3.23
CA VAL B 32 13.98 18.03 3.38
C VAL B 32 13.16 17.88 2.10
N LYS B 33 13.00 19.00 1.39
CA LYS B 33 12.28 19.01 0.12
C LYS B 33 13.00 18.31 -1.03
N ALA B 34 14.24 17.87 -0.79
CA ALA B 34 15.04 17.18 -1.78
C ALA B 34 15.53 15.81 -1.33
N LEU B 35 15.01 15.27 -0.24
CA LEU B 35 15.57 14.02 0.27
C LEU B 35 15.49 12.88 -0.72
N GLU B 36 16.63 12.22 -0.92
CA GLU B 36 16.72 10.98 -1.71
C GLU B 36 16.51 9.73 -0.86
N GLN B 37 16.64 9.90 0.44
CA GLN B 37 16.49 8.85 1.46
C GLN B 37 16.48 9.57 2.79
N GLY B 38 16.25 8.86 3.88
CA GLY B 38 16.40 9.44 5.19
C GLY B 38 15.49 8.83 6.22
N THR B 39 15.43 9.50 7.37
CA THR B 39 14.70 8.98 8.54
C THR B 39 13.91 10.11 9.16
N ILE B 40 12.68 9.79 9.55
CA ILE B 40 11.79 10.75 10.21
C ILE B 40 11.35 10.12 11.51
N VAL B 41 11.51 10.84 12.63
CA VAL B 41 11.10 10.35 13.98
C VAL B 41 10.21 11.41 14.58
N ILE B 42 8.99 11.02 15.01
CA ILE B 42 8.07 11.97 15.57
C ILE B 42 7.38 11.40 16.81
N SER B 43 7.50 12.16 17.93
CA SER B 43 6.67 11.93 19.11
C SER B 43 5.53 12.92 19.09
N TYR B 44 4.33 12.45 19.37
CA TYR B 44 3.15 13.29 19.29
C TYR B 44 2.08 12.84 20.26
N LYS B 45 1.18 13.78 20.53
N LYS B 45 1.12 13.72 20.47
CA LYS B 45 -0.10 13.49 21.18
CA LYS B 45 -0.07 13.39 21.22
C LYS B 45 -1.17 14.05 20.29
C LYS B 45 -1.24 14.04 20.48
N THR B 46 -2.09 13.22 19.85
CA THR B 46 -3.26 13.72 19.16
C THR B 46 -4.39 14.05 20.16
N THR B 47 -5.07 15.14 19.89
CA THR B 47 -6.28 15.49 20.64
C THR B 47 -7.51 15.49 19.73
N SER B 48 -7.34 14.97 18.51
CA SER B 48 -8.37 15.02 17.45
C SER B 48 -8.92 13.64 17.11
N GLU B 49 -10.20 13.59 16.76
CA GLU B 49 -10.84 12.40 16.23
C GLU B 49 -10.88 12.39 14.71
N ASN B 50 -10.13 13.30 14.07
CA ASN B 50 -10.05 13.28 12.62
C ASN B 50 -9.53 11.93 12.15
N ALA B 51 -10.12 11.45 11.07
CA ALA B 51 -9.84 10.10 10.57
C ALA B 51 -8.38 9.89 10.15
N ILE B 52 -7.83 10.86 9.41
CA ILE B 52 -6.48 10.78 8.87
C ILE B 52 -5.77 12.06 9.26
N GLN B 53 -4.67 11.93 9.99
CA GLN B 53 -3.94 13.11 10.51
C GLN B 53 -2.48 13.01 10.11
N SER B 54 -2.09 13.85 9.16
CA SER B 54 -0.68 13.90 8.79
C SER B 54 0.11 14.47 9.97
N LEU B 55 1.22 13.84 10.33
CA LEU B 55 2.18 14.38 11.29
C LEU B 55 3.14 15.33 10.62
N LEU B 56 3.74 14.85 9.52
CA LEU B 56 4.66 15.60 8.70
C LEU B 56 4.36 15.30 7.23
N SER B 57 4.38 16.36 6.40
CA SER B 57 4.26 16.18 4.96
C SER B 57 5.25 17.07 4.26
N VAL B 58 5.54 16.66 3.02
CA VAL B 58 6.42 17.39 2.12
C VAL B 58 5.78 17.21 0.73
N GLY B 59 5.50 18.27 0.00
CA GLY B 59 4.85 18.07 -1.29
C GLY B 59 4.66 19.32 -2.09
N ASN B 60 3.87 19.14 -3.15
CA ASN B 60 3.51 20.20 -4.09
C ASN B 60 2.10 20.67 -3.77
N GLY B 61 1.98 21.91 -3.26
CA GLY B 61 0.69 22.43 -2.81
C GLY B 61 -0.09 23.17 -3.86
N THR B 62 0.37 23.16 -5.12
CA THR B 62 -0.24 24.00 -6.17
C THR B 62 -1.42 23.35 -6.84
N LYS B 63 -2.24 24.16 -7.49
N LYS B 63 -2.10 24.16 -7.65
CA LYS B 63 -3.43 23.65 -8.14
CA LYS B 63 -3.29 23.73 -8.36
C LYS B 63 -3.07 22.58 -9.17
C LYS B 63 -3.01 22.54 -9.27
N GLY B 64 -3.88 21.52 -9.20
CA GLY B 64 -3.72 20.38 -10.09
C GLY B 64 -2.69 19.38 -9.65
N ASN B 65 -2.02 19.63 -8.54
CA ASN B 65 -0.90 18.79 -8.07
C ASN B 65 -1.17 18.14 -6.74
N GLN B 66 -2.43 17.91 -6.47
CA GLN B 66 -2.89 17.38 -5.19
C GLN B 66 -2.47 15.94 -4.89
N ASP B 67 -2.02 15.21 -5.92
CA ASP B 67 -1.54 13.84 -5.72
C ASP B 67 -0.01 13.75 -5.72
N ARG B 68 0.66 14.89 -5.50
CA ARG B 68 2.11 14.95 -5.51
C ARG B 68 2.59 15.38 -4.11
N HIS B 69 2.85 14.38 -3.25
CA HIS B 69 3.26 14.65 -1.87
C HIS B 69 3.71 13.37 -1.18
N PHE B 70 4.40 13.57 -0.06
CA PHE B 70 4.71 12.54 0.90
C PHE B 70 4.09 12.94 2.25
N HIS B 71 3.51 11.98 2.96
CA HIS B 71 3.19 12.24 4.36
C HIS B 71 3.29 10.98 5.21
N LEU B 72 3.57 11.22 6.49
CA LEU B 72 3.56 10.23 7.53
C LEU B 72 2.39 10.57 8.42
N TYR B 73 1.44 9.64 8.59
CA TYR B 73 0.17 9.97 9.23
C TYR B 73 -0.24 8.92 10.24
N ILE B 74 -1.20 9.32 11.08
CA ILE B 74 -1.89 8.44 12.02
C ILE B 74 -3.39 8.52 11.77
N THR B 75 -4.12 7.55 12.31
CA THR B 75 -5.55 7.54 12.13
C THR B 75 -6.26 7.51 13.47
N ASN B 76 -7.55 7.85 13.42
CA ASN B 76 -8.39 7.77 14.63
C ASN B 76 -8.70 6.36 15.06
N ALA B 77 -8.34 5.35 14.26
CA ALA B 77 -8.50 3.93 14.65
C ALA B 77 -7.21 3.35 15.21
N GLY B 78 -6.20 4.19 15.45
CA GLY B 78 -4.93 3.71 16.02
C GLY B 78 -3.98 3.19 14.95
N GLY B 79 -4.23 3.57 13.71
CA GLY B 79 -3.35 3.18 12.62
C GLY B 79 -2.21 4.17 12.42
N VAL B 80 -1.12 3.69 11.80
CA VAL B 80 0.00 4.50 11.36
C VAL B 80 0.23 4.15 9.90
N GLY B 81 0.54 5.15 9.08
CA GLY B 81 0.85 4.89 7.70
C GLY B 81 1.68 5.97 7.08
N MET B 82 2.03 5.73 5.81
CA MET B 82 2.65 6.78 5.01
C MET B 82 2.15 6.65 3.59
N GLU B 83 2.17 7.77 2.83
CA GLU B 83 2.01 7.72 1.39
C GLU B 83 3.07 8.56 0.74
N LEU B 84 3.59 8.02 -0.36
CA LEU B 84 4.61 8.64 -1.19
C LEU B 84 4.07 8.64 -2.60
N ARG B 85 3.76 9.85 -3.10
CA ARG B 85 2.91 9.97 -4.29
C ARG B 85 3.43 11.00 -5.28
N ASN B 86 3.34 10.70 -6.60
CA ASN B 86 3.62 11.69 -7.63
C ASN B 86 2.63 11.58 -8.76
N THR B 87 1.35 11.50 -8.39
CA THR B 87 0.24 11.00 -9.23
C THR B 87 0.34 9.48 -9.40
N ASP B 88 -0.81 8.84 -9.53
CA ASP B 88 -0.80 7.37 -9.53
C ASP B 88 -0.12 6.76 -10.76
N GLY B 89 -0.12 7.49 -11.86
CA GLY B 89 0.57 7.06 -13.07
C GLY B 89 2.08 6.99 -12.92
N GLU B 90 2.63 7.74 -11.97
CA GLU B 90 4.04 7.74 -11.69
C GLU B 90 4.42 6.83 -10.53
N PHE B 91 3.85 7.08 -9.35
CA PHE B 91 4.00 6.17 -8.22
C PHE B 91 3.03 6.49 -7.12
N LYS B 92 2.60 5.46 -6.42
CA LYS B 92 1.82 5.57 -5.19
C LYS B 92 2.27 4.46 -4.27
N TYR B 93 3.24 4.76 -3.40
CA TYR B 93 3.80 3.77 -2.47
C TYR B 93 3.28 4.09 -1.08
N THR B 94 2.64 3.12 -0.46
CA THR B 94 1.97 3.32 0.80
C THR B 94 2.24 2.22 1.81
N LEU B 95 2.09 2.61 3.08
CA LEU B 95 1.94 1.65 4.18
C LEU B 95 0.75 2.07 5.04
N ASP B 96 0.10 1.07 5.65
N ASP B 96 0.07 1.05 5.59
CA ASP B 96 -0.97 1.34 6.56
CA ASP B 96 -1.02 1.26 6.55
C ASP B 96 -1.03 0.18 7.52
C ASP B 96 -0.96 0.12 7.53
N CYS B 97 -0.80 0.45 8.82
CA CYS B 97 -0.67 -0.58 9.84
C CYS B 97 -1.69 -0.38 10.93
N PRO B 98 -2.50 -1.41 11.21
CA PRO B 98 -3.55 -1.23 12.18
C PRO B 98 -3.03 -1.37 13.60
N ALA B 99 -3.77 -0.75 14.52
CA ALA B 99 -3.62 -1.01 15.98
C ALA B 99 -2.17 -0.87 16.45
N ALA B 100 -1.50 0.20 15.97
CA ALA B 100 -0.09 0.43 16.24
C ALA B 100 0.19 1.60 17.21
N VAL B 101 -0.77 2.50 17.32
CA VAL B 101 -0.71 3.66 18.24
C VAL B 101 -2.05 3.78 18.96
N ARG B 102 -2.06 4.58 20.01
CA ARG B 102 -3.25 4.84 20.79
C ARG B 102 -3.66 6.31 20.63
N GLY B 103 -4.94 6.54 20.31
CA GLY B 103 -5.50 7.90 20.28
C GLY B 103 -5.92 8.37 21.65
N SER B 104 -6.30 7.44 22.48
CA SER B 104 -6.63 7.79 23.84
C SER B 104 -6.56 6.47 24.50
N TYR B 105 -6.43 6.50 25.80
CA TYR B 105 -6.44 5.25 26.49
C TYR B 105 -7.39 5.22 27.67
N LYS B 106 -6.96 5.67 28.83
CA LYS B 106 -7.83 5.48 30.02
C LYS B 106 -8.59 6.78 30.16
N GLY B 107 -9.41 7.03 29.11
CA GLY B 107 -10.08 8.30 28.86
C GLY B 107 -9.18 9.51 28.68
N GLU B 108 -7.88 9.29 28.47
CA GLU B 108 -6.91 10.37 28.39
C GLU B 108 -6.18 10.28 27.04
N ARG B 109 -5.77 11.42 26.54
CA ARG B 109 -4.85 11.47 25.41
C ARG B 109 -3.47 11.02 25.91
N VAL B 110 -2.69 10.44 25.00
CA VAL B 110 -1.42 9.79 25.34
C VAL B 110 -0.34 10.01 24.24
N SER B 111 0.91 10.02 24.65
N SER B 111 0.94 10.00 24.64
CA SER B 111 2.01 10.19 23.72
CA SER B 111 2.07 10.23 23.73
C SER B 111 2.29 8.87 22.97
C SER B 111 2.50 8.93 23.03
N ASN B 112 2.75 9.03 21.72
CA ASN B 112 3.25 7.93 20.91
C ASN B 112 4.45 8.42 20.16
N THR B 113 5.31 7.48 19.74
CA THR B 113 6.44 7.86 18.88
C THR B 113 6.44 6.91 17.67
N VAL B 114 6.52 7.50 16.48
CA VAL B 114 6.59 6.75 15.24
C VAL B 114 7.81 7.15 14.45
N ALA B 115 8.21 6.29 13.52
CA ALA B 115 9.33 6.62 12.65
C ALA B 115 9.17 5.95 11.32
N LEU B 116 9.70 6.61 10.29
CA LEU B 116 9.79 6.02 8.96
C LEU B 116 11.20 6.24 8.46
N LYS B 117 11.77 5.18 7.89
CA LYS B 117 13.01 5.36 7.12
C LYS B 117 12.80 4.92 5.70
N ALA B 118 13.51 5.59 4.80
CA ALA B 118 13.58 5.28 3.40
C ALA B 118 15.05 5.10 3.10
N ASP B 119 15.40 3.93 2.58
CA ASP B 119 16.80 3.48 2.37
C ASP B 119 17.01 3.23 0.90
N LYS B 120 17.73 4.13 0.24
CA LYS B 120 17.88 4.05 -1.20
C LYS B 120 18.66 2.83 -1.67
N GLU B 121 19.75 2.50 -0.97
CA GLU B 121 20.55 1.34 -1.42
C GLU B 121 19.78 0.05 -1.35
N ASN B 122 19.06 -0.13 -0.25
CA ASN B 122 18.26 -1.34 -0.09
C ASN B 122 16.89 -1.29 -0.74
N LYS B 123 16.54 -0.12 -1.26
N LYS B 123 16.51 -0.11 -1.23
CA LYS B 123 15.23 0.13 -1.91
CA LYS B 123 15.21 0.12 -1.88
C LYS B 123 14.09 -0.22 -0.96
C LYS B 123 14.08 -0.24 -0.95
N GLN B 124 14.19 0.26 0.27
CA GLN B 124 13.36 -0.23 1.37
C GLN B 124 12.80 0.92 2.19
N TYR B 125 11.55 0.78 2.64
CA TYR B 125 10.92 1.66 3.60
C TYR B 125 10.58 0.84 4.80
N LYS B 126 10.84 1.36 5.99
CA LYS B 126 10.45 0.67 7.23
C LYS B 126 9.74 1.65 8.17
N LEU B 127 8.62 1.16 8.74
CA LEU B 127 7.76 1.93 9.60
C LEU B 127 7.76 1.33 11.00
N PHE B 128 7.91 2.20 12.01
CA PHE B 128 8.06 1.83 13.41
C PHE B 128 7.05 2.60 14.23
N ALA B 129 6.57 2.01 15.31
CA ALA B 129 5.72 2.71 16.28
C ALA B 129 5.95 2.11 17.63
N ASN B 130 6.18 2.98 18.61
CA ASN B 130 6.17 2.55 20.01
C ASN B 130 7.02 1.34 20.30
N GLY B 131 8.23 1.34 19.75
CA GLY B 131 9.19 0.28 20.01
C GLY B 131 9.01 -0.99 19.24
N GLU B 132 8.26 -0.93 18.12
N GLU B 132 8.32 -0.91 18.11
CA GLU B 132 8.06 -2.09 17.25
CA GLU B 132 8.04 -2.08 17.29
C GLU B 132 8.23 -1.70 15.80
C GLU B 132 8.22 -1.70 15.83
N LEU B 133 8.83 -2.60 15.06
CA LEU B 133 8.85 -2.53 13.59
C LEU B 133 7.53 -3.09 13.10
N ILE B 134 6.73 -2.26 12.43
CA ILE B 134 5.37 -2.66 12.10
C ILE B 134 5.16 -3.01 10.62
N ALA B 135 6.00 -2.52 9.72
CA ALA B 135 5.93 -2.91 8.31
C ALA B 135 7.21 -2.55 7.58
N THR B 136 7.48 -3.31 6.52
CA THR B 136 8.58 -3.06 5.60
C THR B 136 8.04 -3.14 4.18
N LEU B 137 8.47 -2.23 3.32
CA LEU B 137 8.11 -2.25 1.91
C LEU B 137 9.39 -2.14 1.10
N ASP B 138 9.57 -3.07 0.14
N ASP B 138 9.53 -3.04 0.14
CA ASP B 138 10.71 -3.03 -0.78
CA ASP B 138 10.63 -2.94 -0.78
C ASP B 138 10.14 -2.84 -2.17
C ASP B 138 10.02 -2.74 -2.15
N GLN B 139 10.59 -1.83 -2.92
CA GLN B 139 10.07 -1.52 -4.28
C GLN B 139 11.19 -1.59 -5.25
N GLU B 140 10.98 -2.29 -6.35
CA GLU B 140 12.05 -2.37 -7.36
C GLU B 140 12.39 -1.01 -7.90
N ALA B 141 11.38 -0.17 -8.08
CA ALA B 141 11.58 1.17 -8.53
C ALA B 141 11.54 2.12 -7.31
N PHE B 142 12.67 2.25 -6.64
CA PHE B 142 12.67 3.03 -5.40
C PHE B 142 12.46 4.50 -5.70
N LYS B 143 11.69 5.18 -4.86
CA LYS B 143 11.42 6.62 -4.98
C LYS B 143 11.53 7.27 -3.61
N PHE B 144 11.79 8.58 -3.59
CA PHE B 144 11.58 9.33 -2.38
C PHE B 144 11.23 10.76 -2.72
N ILE B 145 11.45 11.68 -1.80
CA ILE B 145 10.93 13.04 -1.94
C ILE B 145 11.50 13.76 -3.15
N SER B 146 12.77 13.51 -3.48
CA SER B 146 13.36 14.14 -4.68
C SER B 146 12.76 13.66 -5.99
N ASP B 147 11.92 12.62 -5.99
CA ASP B 147 11.23 12.18 -7.19
C ASP B 147 9.84 12.76 -7.34
N ILE B 148 9.37 13.48 -6.33
CA ILE B 148 8.07 14.18 -6.43
C ILE B 148 8.25 15.43 -7.28
N THR B 149 7.30 15.71 -8.16
CA THR B 149 7.43 16.85 -9.06
C THR B 149 6.90 18.13 -8.39
N GLY B 150 7.73 19.16 -8.38
CA GLY B 150 7.30 20.48 -7.92
C GLY B 150 7.06 20.64 -6.44
N VAL B 151 7.92 20.01 -5.63
CA VAL B 151 7.79 20.18 -4.18
C VAL B 151 8.02 21.64 -3.80
N ASP B 152 7.10 22.21 -3.00
CA ASP B 152 7.18 23.61 -2.59
C ASP B 152 6.81 23.84 -1.14
N ASN B 153 6.59 22.81 -0.34
CA ASN B 153 6.25 23.07 1.04
C ASN B 153 6.56 21.86 1.93
N VAL B 154 6.77 22.17 3.21
CA VAL B 154 6.95 21.20 4.26
C VAL B 154 6.07 21.65 5.41
N MET B 155 5.29 20.75 5.98
N MET B 155 5.40 20.74 6.05
CA MET B 155 4.28 21.10 7.01
CA MET B 155 4.65 21.18 7.20
C MET B 155 4.20 20.06 8.10
C MET B 155 4.27 20.08 8.14
N LEU B 156 3.95 20.50 9.34
CA LEU B 156 3.44 19.61 10.36
C LEU B 156 1.93 19.65 10.37
N GLY B 157 1.32 18.53 10.69
CA GLY B 157 -0.08 18.51 11.06
C GLY B 157 -1.07 18.60 9.91
N GLY B 158 -0.63 18.34 8.68
CA GLY B 158 -1.51 18.27 7.52
C GLY B 158 -0.68 18.15 6.27
N THR B 159 -1.35 18.09 5.14
CA THR B 159 -0.72 17.99 3.81
C THR B 159 -1.36 19.02 2.90
N MET B 160 -0.54 19.87 2.26
CA MET B 160 -1.11 20.90 1.37
C MET B 160 -1.54 20.31 0.05
N ARG B 161 -2.81 20.51 -0.27
CA ARG B 161 -3.41 19.98 -1.52
C ARG B 161 -4.19 21.13 -2.13
N GLN B 162 -3.66 21.68 -3.22
CA GLN B 162 -4.28 22.83 -3.90
C GLN B 162 -4.59 23.95 -2.93
N GLY B 163 -3.65 24.23 -2.02
CA GLY B 163 -3.80 25.33 -1.10
C GLY B 163 -4.66 25.09 0.11
N THR B 164 -5.18 23.88 0.28
N THR B 164 -5.18 23.87 0.29
CA THR B 164 -5.97 23.48 1.44
CA THR B 164 -5.90 23.53 1.51
C THR B 164 -5.15 22.53 2.33
C THR B 164 -5.15 22.52 2.33
N VAL B 165 -5.33 22.64 3.64
CA VAL B 165 -4.71 21.74 4.60
C VAL B 165 -5.54 20.47 4.66
N ALA B 166 -5.07 19.41 3.98
CA ALA B 166 -5.72 18.13 4.03
C ALA B 166 -5.16 17.28 5.18
N TYR B 167 -5.90 16.24 5.54
CA TYR B 167 -5.47 15.27 6.55
C TYR B 167 -5.10 15.98 7.87
N PRO B 168 -6.01 16.80 8.44
CA PRO B 168 -5.60 17.69 9.50
C PRO B 168 -5.45 17.02 10.88
N PHE B 169 -4.29 17.26 11.47
CA PHE B 169 -3.96 16.85 12.86
C PHE B 169 -4.38 17.91 13.85
N GLY B 170 -4.73 17.50 15.04
CA GLY B 170 -4.84 18.41 16.20
C GLY B 170 -4.12 17.78 17.36
N GLY B 171 -3.40 18.58 18.13
CA GLY B 171 -2.67 18.09 19.29
C GLY B 171 -1.30 18.67 19.30
N SER B 172 -0.33 17.92 19.81
N SER B 172 -0.34 17.95 19.88
CA SER B 172 1.04 18.42 19.96
CA SER B 172 1.05 18.38 20.00
C SER B 172 1.99 17.51 19.22
C SER B 172 2.01 17.49 19.23
N ILE B 173 2.85 18.12 18.43
CA ILE B 173 4.04 17.47 17.90
C ILE B 173 5.11 17.73 18.94
N GLU B 174 5.34 16.73 19.79
CA GLU B 174 6.24 16.90 20.93
C GLU B 174 7.69 17.02 20.47
N ARG B 175 8.09 16.14 19.56
CA ARG B 175 9.40 16.21 18.96
C ARG B 175 9.33 15.67 17.56
N MET B 176 10.00 16.36 16.64
CA MET B 176 10.10 15.91 15.26
C MET B 176 11.55 16.07 14.87
N GLN B 177 12.11 15.05 14.23
CA GLN B 177 13.47 15.09 13.66
C GLN B 177 13.48 14.44 12.34
N VAL B 178 14.14 15.09 11.39
CA VAL B 178 14.36 14.52 10.04
C VAL B 178 15.86 14.44 9.82
N TYR B 179 16.29 13.27 9.37
CA TYR B 179 17.69 12.98 9.05
C TYR B 179 17.83 12.65 7.59
N ARG B 180 18.95 13.06 6.97
CA ARG B 180 19.33 12.54 5.64
C ARG B 180 19.91 11.12 5.78
N ASP B 181 20.41 10.77 6.96
CA ASP B 181 20.96 9.45 7.26
C ASP B 181 19.85 8.41 7.43
N VAL B 182 20.19 7.15 7.15
CA VAL B 182 19.29 6.02 7.37
C VAL B 182 19.65 5.34 8.67
N LEU B 183 18.82 5.52 9.68
CA LEU B 183 19.11 4.94 11.00
C LEU B 183 18.88 3.44 10.96
N SER B 184 19.59 2.70 11.80
CA SER B 184 19.39 1.25 11.87
C SER B 184 18.07 0.87 12.50
N ASP B 185 17.63 -0.34 12.22
CA ASP B 185 16.42 -0.84 12.86
C ASP B 185 16.54 -0.83 14.39
N ASP B 186 17.69 -1.26 14.89
CA ASP B 186 17.88 -1.24 16.36
C ASP B 186 17.77 0.18 16.92
N GLU B 187 18.35 1.15 16.23
CA GLU B 187 18.24 2.55 16.68
C GLU B 187 16.79 3.01 16.66
N LEU B 188 16.02 2.60 15.66
CA LEU B 188 14.60 3.02 15.58
C LEU B 188 13.68 2.32 16.56
N ILE B 189 13.97 1.05 16.88
CA ILE B 189 13.26 0.41 17.98
C ILE B 189 13.50 1.19 19.26
N ALA B 190 14.74 1.57 19.51
CA ALA B 190 15.07 2.30 20.75
C ALA B 190 14.46 3.69 20.77
N VAL B 191 14.59 4.46 19.70
N VAL B 191 14.56 4.43 19.67
CA VAL B 191 14.10 5.85 19.76
CA VAL B 191 14.10 5.81 19.68
C VAL B 191 12.58 5.92 19.77
C VAL B 191 12.60 5.98 19.60
N THR B 192 11.88 4.94 19.20
CA THR B 192 10.43 4.95 19.25
C THR B 192 9.83 4.38 20.55
N GLY B 193 10.70 3.92 21.47
CA GLY B 193 10.22 3.38 22.76
C GLY B 193 9.90 4.45 23.79
#